data_1CVL
#
_entry.id   1CVL
#
_cell.length_a   41.080
_cell.length_b   156.820
_cell.length_c   43.610
_cell.angle_alpha   90.00
_cell.angle_beta   90.00
_cell.angle_gamma   90.00
#
_symmetry.space_group_name_H-M   'P 21 21 2'
#
loop_
_entity.id
_entity.type
_entity.pdbx_description
1 polymer 'TRIACYLGLYCEROL HYDROLASE'
2 non-polymer 'CALCIUM ION'
3 water water
#
_entity_poly.entity_id   1
_entity_poly.type   'polypeptide(L)'
_entity_poly.pdbx_seq_one_letter_code
;ADTYAATRYPVILVHGLAGTDKFANVVDYWYGIQSDLQSHGAKVYVANLSGFQSDDGPNGRGEQLLAYVKQVLAATGATK
VNLIGHSQGGLTSRYVAAVAPQLVASVTTIGTPHRGSEFADFVQDVLKTDPTGLSSTVIAAFVNVFGTLVSSSHNTDQDA
LAALRTLTTAQTATYNRNFPSAGLGAPGSCQTGAATETVGGSQHLLYSWGGTAIQPTSTVLGVTGATDTSTGTLDVANVT
DPSTLALLATGAVMINRASGQNDGLVSRCSSLFGQVISTSYHWNHLDEINQLLGVRGANAEDPVAVIRTHVNRLKLQGV
;
_entity_poly.pdbx_strand_id   A
#
loop_
_chem_comp.id
_chem_comp.type
_chem_comp.name
_chem_comp.formula
CA non-polymer 'CALCIUM ION' 'Ca 2'
#
# COMPACT_ATOMS: atom_id res chain seq x y z
N ALA A 1 -24.75 10.31 -11.77
CA ALA A 1 -24.32 9.07 -11.08
C ALA A 1 -24.69 7.91 -12.03
N ASP A 2 -23.86 6.85 -12.02
CA ASP A 2 -24.16 5.70 -12.90
C ASP A 2 -23.85 4.44 -12.08
N THR A 3 -23.73 3.35 -12.78
CA THR A 3 -23.43 2.11 -12.00
C THR A 3 -22.19 1.39 -12.48
N TYR A 4 -21.31 2.19 -13.11
CA TYR A 4 -20.07 1.67 -13.64
C TYR A 4 -19.27 0.87 -12.58
N ALA A 5 -19.26 1.36 -11.36
CA ALA A 5 -18.48 0.71 -10.29
C ALA A 5 -19.42 0.01 -9.30
N ALA A 6 -20.63 -0.32 -9.70
CA ALA A 6 -21.58 -0.96 -8.81
C ALA A 6 -21.30 -2.44 -8.63
N THR A 7 -20.41 -2.86 -7.77
CA THR A 7 -20.11 -4.24 -7.53
C THR A 7 -21.23 -4.88 -6.68
N ARG A 8 -21.26 -6.21 -6.72
CA ARG A 8 -22.22 -6.98 -5.94
C ARG A 8 -21.99 -6.89 -4.43
N TYR A 9 -20.71 -7.00 -4.07
CA TYR A 9 -20.32 -6.90 -2.64
C TYR A 9 -19.67 -5.56 -2.32
N PRO A 10 -19.87 -5.04 -1.11
CA PRO A 10 -19.28 -3.74 -0.70
C PRO A 10 -17.77 -3.73 -0.84
N VAL A 11 -17.24 -2.54 -1.10
CA VAL A 11 -15.81 -2.34 -1.25
C VAL A 11 -15.24 -1.71 0.04
N ILE A 12 -14.22 -2.35 0.59
CA ILE A 12 -13.56 -1.76 1.80
C ILE A 12 -12.16 -1.31 1.40
N LEU A 13 -11.84 -0.02 1.62
CA LEU A 13 -10.49 0.52 1.34
C LEU A 13 -9.68 0.39 2.65
N VAL A 14 -8.55 -0.21 2.57
CA VAL A 14 -7.70 -0.50 3.75
C VAL A 14 -6.34 0.20 3.60
N HIS A 15 -6.21 1.29 4.41
CA HIS A 15 -4.98 2.10 4.41
C HIS A 15 -3.78 1.37 5.04
N GLY A 16 -2.61 1.93 4.83
CA GLY A 16 -1.35 1.48 5.39
C GLY A 16 -0.77 2.65 6.23
N LEU A 17 0.54 2.67 6.29
CA LEU A 17 1.32 3.73 6.98
C LEU A 17 0.97 3.82 8.50
N ALA A 18 1.30 4.97 9.08
CA ALA A 18 1.25 5.23 10.55
C ALA A 18 -0.08 4.97 11.29
N GLY A 19 -1.23 5.16 10.66
CA GLY A 19 -2.50 4.88 11.36
C GLY A 19 -3.62 5.87 11.02
N THR A 20 -4.83 5.34 11.14
CA THR A 20 -6.09 6.03 10.85
C THR A 20 -6.23 6.26 9.34
N ASP A 21 -7.38 6.78 8.97
CA ASP A 21 -7.73 6.94 7.53
C ASP A 21 -7.43 8.40 7.15
N LYS A 22 -6.59 9.11 7.92
CA LYS A 22 -6.31 10.52 7.61
C LYS A 22 -4.82 10.82 7.77
N PHE A 23 -4.45 11.84 6.99
CA PHE A 23 -3.08 12.35 7.06
C PHE A 23 -3.22 13.66 7.85
N ALA A 24 -2.41 13.84 8.88
CA ALA A 24 -2.40 15.04 9.74
C ALA A 24 -3.77 15.31 10.31
N ASN A 25 -4.54 14.28 10.56
CA ASN A 25 -5.89 14.31 11.11
C ASN A 25 -6.93 15.03 10.24
N VAL A 26 -6.60 15.47 9.06
CA VAL A 26 -7.63 16.23 8.31
C VAL A 26 -7.76 15.80 6.85
N VAL A 27 -6.67 15.29 6.28
CA VAL A 27 -6.74 14.88 4.86
C VAL A 27 -7.08 13.40 4.69
N ASP A 28 -8.06 13.13 3.85
CA ASP A 28 -8.43 11.72 3.56
C ASP A 28 -7.24 11.03 2.98
N TYR A 29 -6.97 9.86 3.51
CA TYR A 29 -5.88 9.00 3.02
C TYR A 29 -6.12 8.70 1.51
N TRP A 30 -7.30 8.19 1.22
CA TRP A 30 -7.62 7.86 -0.21
C TRP A 30 -8.12 9.14 -0.87
N TYR A 31 -7.20 10.01 -1.20
CA TYR A 31 -7.65 11.34 -1.69
C TYR A 31 -8.55 11.34 -2.91
N GLY A 32 -9.79 11.81 -2.71
CA GLY A 32 -10.80 11.93 -3.77
C GLY A 32 -11.36 10.63 -4.35
N ILE A 33 -10.93 9.47 -3.81
CA ILE A 33 -11.33 8.18 -4.31
C ILE A 33 -12.74 7.76 -3.90
N GLN A 34 -13.07 7.96 -2.63
CA GLN A 34 -14.39 7.56 -2.15
C GLN A 34 -15.52 8.27 -2.92
N SER A 35 -15.41 9.58 -3.07
CA SER A 35 -16.53 10.32 -3.76
C SER A 35 -16.61 9.88 -5.22
N ASP A 36 -15.46 9.64 -5.82
CA ASP A 36 -15.48 9.20 -7.25
C ASP A 36 -16.24 7.87 -7.35
N LEU A 37 -15.78 6.85 -6.60
CA LEU A 37 -16.42 5.52 -6.69
C LEU A 37 -17.89 5.62 -6.34
N GLN A 38 -18.27 6.38 -5.33
CA GLN A 38 -19.69 6.48 -4.95
C GLN A 38 -20.54 7.09 -6.08
N SER A 39 -19.97 8.05 -6.81
CA SER A 39 -20.70 8.68 -7.94
C SER A 39 -20.92 7.63 -9.04
N HIS A 40 -20.16 6.54 -9.02
CA HIS A 40 -20.26 5.47 -10.01
C HIS A 40 -20.98 4.23 -9.43
N GLY A 41 -21.77 4.40 -8.36
CA GLY A 41 -22.59 3.37 -7.80
C GLY A 41 -21.95 2.41 -6.84
N ALA A 42 -20.69 2.60 -6.46
CA ALA A 42 -20.07 1.66 -5.51
C ALA A 42 -20.45 1.99 -4.07
N LYS A 43 -20.57 0.94 -3.24
CA LYS A 43 -20.82 1.13 -1.79
C LYS A 43 -19.42 1.04 -1.16
N VAL A 44 -18.88 2.14 -0.72
CA VAL A 44 -17.49 2.15 -0.19
C VAL A 44 -17.41 2.42 1.31
N TYR A 45 -16.59 1.67 1.97
CA TYR A 45 -16.38 1.81 3.42
C TYR A 45 -14.91 2.05 3.60
N VAL A 46 -14.48 2.92 4.49
CA VAL A 46 -13.06 3.18 4.67
C VAL A 46 -12.62 2.74 6.07
N ALA A 47 -11.70 1.78 6.11
CA ALA A 47 -11.24 1.30 7.42
C ALA A 47 -10.41 2.35 8.16
N ASN A 48 -10.39 2.26 9.49
CA ASN A 48 -9.58 3.20 10.27
C ASN A 48 -8.85 2.34 11.29
N LEU A 49 -7.61 2.05 11.12
CA LEU A 49 -6.82 1.12 11.95
C LEU A 49 -5.64 1.81 12.58
N SER A 50 -5.18 1.23 13.69
CA SER A 50 -4.03 1.70 14.48
C SER A 50 -3.06 0.64 14.99
N GLY A 51 -1.86 1.05 15.28
CA GLY A 51 -0.93 0.07 15.88
C GLY A 51 0.30 -0.11 15.04
N PHE A 52 1.44 -0.35 15.66
CA PHE A 52 2.70 -0.54 14.99
C PHE A 52 3.24 -1.98 15.10
N GLN A 53 2.47 -2.82 15.79
CA GLN A 53 2.98 -4.22 15.93
C GLN A 53 2.48 -5.06 14.73
N SER A 54 2.88 -6.35 14.68
CA SER A 54 2.47 -7.19 13.56
C SER A 54 0.96 -7.23 13.41
N ASP A 55 0.56 -7.33 12.09
CA ASP A 55 -0.86 -7.37 11.73
C ASP A 55 -1.64 -8.50 12.44
N ASP A 56 -0.90 -9.58 12.78
CA ASP A 56 -1.62 -10.68 13.41
C ASP A 56 -1.55 -10.61 14.98
N GLY A 57 -0.96 -9.58 15.54
CA GLY A 57 -0.90 -9.59 17.03
C GLY A 57 -2.27 -9.35 17.65
N PRO A 58 -2.37 -9.65 19.00
CA PRO A 58 -3.62 -9.44 19.73
C PRO A 58 -4.09 -7.98 19.60
N ASN A 59 -5.32 -7.77 19.19
CA ASN A 59 -5.85 -6.42 19.00
C ASN A 59 -5.03 -5.64 17.95
N GLY A 60 -4.35 -6.31 17.07
CA GLY A 60 -3.52 -5.71 16.01
C GLY A 60 -4.49 -5.24 14.90
N ARG A 61 -3.86 -4.74 13.83
CA ARG A 61 -4.68 -4.24 12.70
C ARG A 61 -5.55 -5.30 12.05
N GLY A 62 -5.05 -6.54 12.04
CA GLY A 62 -5.82 -7.64 11.42
C GLY A 62 -7.12 -7.85 12.14
N GLU A 63 -7.05 -7.95 13.47
CA GLU A 63 -8.24 -8.17 14.28
C GLU A 63 -9.18 -6.98 14.20
N GLN A 64 -8.58 -5.79 14.12
CA GLN A 64 -9.38 -4.58 14.00
C GLN A 64 -10.18 -4.59 12.69
N LEU A 65 -9.52 -4.98 11.65
CA LEU A 65 -10.15 -5.02 10.30
C LEU A 65 -11.25 -6.08 10.29
N LEU A 66 -10.91 -7.27 10.87
CA LEU A 66 -11.95 -8.32 10.91
C LEU A 66 -13.21 -7.86 11.62
N ALA A 67 -13.04 -7.16 12.78
CA ALA A 67 -14.18 -6.65 13.51
C ALA A 67 -14.98 -5.68 12.65
N TYR A 68 -14.27 -4.82 11.94
CA TYR A 68 -14.90 -3.82 11.05
C TYR A 68 -15.71 -4.47 9.92
N VAL A 69 -15.09 -5.50 9.32
CA VAL A 69 -15.72 -6.27 8.25
C VAL A 69 -17.04 -6.85 8.73
N LYS A 70 -16.98 -7.43 9.96
CA LYS A 70 -18.26 -7.96 10.53
C LYS A 70 -19.29 -6.88 10.76
N GLN A 71 -18.94 -5.67 11.21
CA GLN A 71 -19.91 -4.60 11.38
C GLN A 71 -20.49 -4.21 10.01
N VAL A 72 -19.67 -4.09 8.98
CA VAL A 72 -20.18 -3.73 7.65
C VAL A 72 -21.20 -4.76 7.15
N LEU A 73 -20.92 -6.05 7.26
CA LEU A 73 -21.79 -7.15 6.83
C LEU A 73 -23.10 -7.12 7.62
N ALA A 74 -22.97 -6.96 8.91
CA ALA A 74 -24.15 -6.96 9.76
C ALA A 74 -25.04 -5.80 9.41
N ALA A 75 -24.50 -4.64 9.08
CA ALA A 75 -25.30 -3.47 8.76
C ALA A 75 -25.87 -3.56 7.35
N THR A 76 -25.17 -4.13 6.42
CA THR A 76 -25.62 -4.15 5.03
C THR A 76 -26.44 -5.37 4.65
N GLY A 77 -26.25 -6.44 5.41
CA GLY A 77 -27.01 -7.67 5.05
C GLY A 77 -26.25 -8.39 3.96
N ALA A 78 -25.06 -7.90 3.56
CA ALA A 78 -24.25 -8.53 2.52
C ALA A 78 -23.51 -9.73 3.16
N THR A 79 -23.05 -10.67 2.34
CA THR A 79 -22.34 -11.80 2.93
C THR A 79 -20.83 -11.81 2.77
N LYS A 80 -20.33 -10.99 1.87
CA LYS A 80 -18.90 -10.91 1.60
C LYS A 80 -18.53 -9.46 1.21
N VAL A 81 -17.22 -9.19 1.24
CA VAL A 81 -16.69 -7.85 0.88
C VAL A 81 -15.53 -8.04 -0.08
N ASN A 82 -15.19 -6.92 -0.74
CA ASN A 82 -14.04 -6.80 -1.63
C ASN A 82 -13.04 -5.95 -0.84
N LEU A 83 -11.85 -6.43 -0.63
CA LEU A 83 -10.85 -5.63 0.10
C LEU A 83 -9.84 -5.02 -0.84
N ILE A 84 -9.59 -3.74 -0.69
CA ILE A 84 -8.55 -3.09 -1.50
C ILE A 84 -7.59 -2.42 -0.51
N GLY A 85 -6.35 -2.87 -0.47
CA GLY A 85 -5.41 -2.28 0.49
C GLY A 85 -4.22 -1.61 -0.19
N HIS A 86 -3.67 -0.59 0.46
CA HIS A 86 -2.47 0.07 -0.01
C HIS A 86 -1.33 -0.14 1.01
N SER A 87 -0.14 -0.34 0.56
CA SER A 87 1.06 -0.46 1.46
C SER A 87 0.80 -1.57 2.49
N GLN A 88 1.01 -1.28 3.79
CA GLN A 88 0.72 -2.36 4.81
C GLN A 88 -0.72 -2.83 4.76
N GLY A 89 -1.66 -2.02 4.26
CA GLY A 89 -3.09 -2.42 4.22
C GLY A 89 -3.23 -3.72 3.38
N GLY A 90 -2.30 -3.99 2.49
CA GLY A 90 -2.39 -5.23 1.71
C GLY A 90 -2.07 -6.44 2.61
N LEU A 91 -1.20 -6.26 3.57
CA LEU A 91 -0.85 -7.32 4.54
C LEU A 91 -2.02 -7.51 5.47
N THR A 92 -2.62 -6.42 5.87
CA THR A 92 -3.80 -6.45 6.79
C THR A 92 -4.94 -7.21 6.16
N SER A 93 -5.18 -6.91 4.87
CA SER A 93 -6.24 -7.54 4.11
C SER A 93 -6.00 -9.08 4.03
N ARG A 94 -4.76 -9.46 3.84
CA ARG A 94 -4.34 -10.87 3.74
C ARG A 94 -4.76 -11.59 5.04
N TYR A 95 -4.56 -10.92 6.20
CA TYR A 95 -4.95 -11.58 7.48
C TYR A 95 -6.41 -11.97 7.48
N VAL A 96 -7.31 -11.03 7.11
CA VAL A 96 -8.74 -11.28 7.09
C VAL A 96 -9.12 -12.39 6.11
N ALA A 97 -8.50 -12.39 4.93
CA ALA A 97 -8.80 -13.42 3.93
C ALA A 97 -8.36 -14.80 4.44
N ALA A 98 -7.33 -14.83 5.28
CA ALA A 98 -6.82 -16.08 5.84
C ALA A 98 -7.68 -16.54 7.02
N VAL A 99 -8.03 -15.67 7.95
CA VAL A 99 -8.80 -16.18 9.13
C VAL A 99 -10.29 -16.27 8.94
N ALA A 100 -10.93 -15.53 8.05
CA ALA A 100 -12.38 -15.51 7.78
C ALA A 100 -12.58 -15.56 6.25
N PRO A 101 -12.10 -16.62 5.61
CA PRO A 101 -12.16 -16.78 4.13
C PRO A 101 -13.54 -16.64 3.52
N GLN A 102 -14.57 -17.04 4.28
CA GLN A 102 -15.97 -17.00 3.81
C GLN A 102 -16.52 -15.59 3.72
N LEU A 103 -15.88 -14.59 4.36
CA LEU A 103 -16.40 -13.22 4.33
C LEU A 103 -15.76 -12.36 3.21
N VAL A 104 -14.84 -12.92 2.47
CA VAL A 104 -14.08 -12.18 1.45
C VAL A 104 -14.32 -12.72 0.07
N ALA A 105 -14.58 -11.76 -0.83
CA ALA A 105 -14.78 -12.14 -2.27
C ALA A 105 -13.48 -11.94 -3.11
N SER A 106 -12.72 -10.86 -2.78
CA SER A 106 -11.46 -10.59 -3.50
C SER A 106 -10.51 -9.79 -2.57
N VAL A 107 -9.24 -9.82 -2.90
CA VAL A 107 -8.19 -9.10 -2.23
C VAL A 107 -7.32 -8.42 -3.31
N THR A 108 -7.23 -7.11 -3.27
CA THR A 108 -6.41 -6.35 -4.20
C THR A 108 -5.34 -5.60 -3.37
N THR A 109 -4.10 -5.71 -3.75
CA THR A 109 -3.07 -4.95 -3.00
C THR A 109 -2.43 -3.91 -3.91
N ILE A 110 -2.26 -2.71 -3.44
CA ILE A 110 -1.58 -1.65 -4.21
C ILE A 110 -0.28 -1.27 -3.53
N GLY A 111 0.86 -1.50 -4.18
CA GLY A 111 2.18 -1.16 -3.65
C GLY A 111 2.38 -1.79 -2.23
N THR A 112 2.00 -3.07 -2.15
CA THR A 112 2.21 -3.74 -0.84
C THR A 112 3.54 -4.46 -0.84
N PRO A 113 4.37 -4.25 0.20
CA PRO A 113 5.67 -4.91 0.30
C PRO A 113 5.49 -6.31 0.83
N HIS A 114 4.93 -7.22 0.06
CA HIS A 114 4.69 -8.61 0.51
C HIS A 114 6.01 -9.28 0.92
N ARG A 115 7.11 -8.90 0.28
CA ARG A 115 8.38 -9.48 0.65
C ARG A 115 9.28 -8.50 1.38
N GLY A 116 8.74 -7.44 1.94
CA GLY A 116 9.53 -6.48 2.71
C GLY A 116 9.94 -5.26 1.89
N SER A 117 10.45 -4.29 2.63
CA SER A 117 10.96 -3.04 2.04
C SER A 117 12.43 -2.92 2.39
N GLU A 118 13.33 -2.71 1.40
CA GLU A 118 14.77 -2.49 1.63
C GLU A 118 15.03 -1.15 2.38
N PHE A 119 14.12 -0.17 2.28
CA PHE A 119 14.28 1.07 3.01
C PHE A 119 13.99 0.78 4.51
N ALA A 120 12.92 0.05 4.82
CA ALA A 120 12.61 -0.36 6.20
C ALA A 120 13.85 -1.12 6.77
N ASP A 121 14.51 -1.97 6.02
CA ASP A 121 15.70 -2.73 6.40
C ASP A 121 16.83 -1.76 6.72
N PHE A 122 17.01 -0.77 5.83
CA PHE A 122 18.06 0.26 6.00
C PHE A 122 17.88 1.00 7.33
N VAL A 123 16.66 1.46 7.62
CA VAL A 123 16.36 2.16 8.84
C VAL A 123 16.72 1.25 10.05
N GLN A 124 16.29 -0.01 9.99
CA GLN A 124 16.60 -0.96 11.09
C GLN A 124 18.10 -1.06 11.23
N ASP A 125 18.91 -1.17 10.22
CA ASP A 125 20.37 -1.20 10.30
C ASP A 125 20.95 0.04 11.00
N VAL A 126 20.49 1.23 10.55
CA VAL A 126 21.01 2.49 11.12
C VAL A 126 20.68 2.69 12.58
N LEU A 127 19.50 2.36 13.02
CA LEU A 127 19.12 2.58 14.42
C LEU A 127 19.89 1.65 15.35
N LYS A 128 20.58 0.68 14.79
CA LYS A 128 21.36 -0.30 15.55
C LYS A 128 22.64 0.35 16.05
N THR A 129 22.96 1.45 15.40
CA THR A 129 24.21 2.19 15.72
C THR A 129 23.90 3.64 16.01
N ASP A 130 22.91 4.30 15.45
CA ASP A 130 22.47 5.67 15.64
C ASP A 130 20.96 5.58 15.93
N PRO A 131 20.69 5.45 17.21
CA PRO A 131 19.34 5.27 17.74
C PRO A 131 18.44 6.44 17.38
N THR A 132 19.06 7.34 16.62
CA THR A 132 18.31 8.56 16.23
C THR A 132 17.92 8.54 14.74
N GLY A 133 18.74 7.84 13.94
CA GLY A 133 18.51 7.76 12.49
C GLY A 133 19.09 9.00 11.79
N LEU A 134 19.19 10.15 12.43
CA LEU A 134 19.69 11.40 11.81
C LEU A 134 21.07 11.52 11.18
N SER A 135 22.00 10.64 11.42
CA SER A 135 23.31 10.58 10.79
C SER A 135 23.14 10.30 9.28
N SER A 136 21.86 10.01 8.95
CA SER A 136 21.49 9.74 7.55
C SER A 136 20.58 10.87 7.08
N THR A 137 21.12 11.52 6.05
CA THR A 137 20.34 12.65 5.48
C THR A 137 19.05 12.13 4.84
N VAL A 138 19.12 10.91 4.30
CA VAL A 138 17.90 10.32 3.68
C VAL A 138 16.82 10.10 4.76
N ILE A 139 17.28 9.52 5.89
CA ILE A 139 16.30 9.27 6.99
C ILE A 139 15.73 10.59 7.48
N ALA A 140 16.67 11.56 7.66
CA ALA A 140 16.17 12.89 8.12
C ALA A 140 15.09 13.43 7.21
N ALA A 141 15.35 13.37 5.90
CA ALA A 141 14.35 13.84 4.91
C ALA A 141 13.04 13.10 5.00
N PHE A 142 13.18 11.74 5.07
CA PHE A 142 11.94 10.89 5.20
C PHE A 142 11.08 11.28 6.40
N VAL A 143 11.79 11.39 7.54
CA VAL A 143 11.11 11.77 8.79
C VAL A 143 10.45 13.18 8.66
N ASN A 144 11.26 14.10 8.14
CA ASN A 144 10.70 15.50 8.03
C ASN A 144 9.38 15.52 7.26
N VAL A 145 9.35 14.83 6.10
CA VAL A 145 8.15 14.77 5.29
C VAL A 145 7.05 13.90 5.86
N PHE A 146 7.37 12.62 6.11
CA PHE A 146 6.30 11.70 6.61
C PHE A 146 5.84 12.04 8.05
N GLY A 147 6.72 12.68 8.82
CA GLY A 147 6.26 13.07 10.18
C GLY A 147 5.10 14.03 10.08
N THR A 148 5.01 14.86 9.05
CA THR A 148 3.89 15.80 8.94
C THR A 148 2.61 15.08 8.59
N LEU A 149 2.69 13.82 8.10
CA LEU A 149 1.43 13.13 7.77
C LEU A 149 0.81 12.34 8.89
N VAL A 150 1.54 12.18 10.00
CA VAL A 150 1.04 11.38 11.14
C VAL A 150 -0.16 12.02 11.85
N SER A 151 -1.23 11.26 12.06
CA SER A 151 -2.43 11.70 12.74
C SER A 151 -2.41 11.24 14.21
N SER A 152 -3.12 12.02 15.02
CA SER A 152 -3.23 11.60 16.44
C SER A 152 -1.92 11.17 17.10
N SER A 153 -0.95 12.08 17.13
CA SER A 153 0.31 11.66 17.80
C SER A 153 0.90 12.85 18.57
N HIS A 154 1.72 12.53 19.55
CA HIS A 154 2.47 13.48 20.34
C HIS A 154 3.95 13.43 19.91
N ASN A 155 4.30 12.49 19.02
CA ASN A 155 5.70 12.35 18.57
C ASN A 155 5.65 11.86 17.13
N THR A 156 5.14 12.76 16.30
CA THR A 156 4.96 12.39 14.88
C THR A 156 6.23 11.93 14.18
N ASP A 157 7.38 12.51 14.50
CA ASP A 157 8.62 12.11 13.85
C ASP A 157 8.99 10.66 14.22
N GLN A 158 8.77 10.31 15.47
CA GLN A 158 9.03 8.94 15.95
C GLN A 158 8.10 7.92 15.28
N ASP A 159 6.82 8.27 15.29
CA ASP A 159 5.77 7.43 14.73
C ASP A 159 5.98 7.20 13.20
N ALA A 160 6.56 8.21 12.54
CA ALA A 160 6.84 8.08 11.10
C ALA A 160 7.77 6.90 10.87
N LEU A 161 8.78 6.73 11.75
CA LEU A 161 9.71 5.60 11.59
C LEU A 161 9.11 4.25 12.12
N ALA A 162 8.32 4.36 13.16
CA ALA A 162 7.69 3.20 13.81
C ALA A 162 6.87 2.45 12.77
N ALA A 163 6.22 3.19 11.88
CA ALA A 163 5.37 2.53 10.84
C ALA A 163 6.16 1.61 9.92
N LEU A 164 7.47 1.67 9.83
CA LEU A 164 8.32 0.84 8.97
C LEU A 164 8.71 -0.51 9.62
N ARG A 165 8.54 -0.64 10.95
CA ARG A 165 8.98 -1.89 11.59
C ARG A 165 8.36 -3.15 11.00
N THR A 166 7.08 -3.17 10.75
CA THR A 166 6.43 -4.39 10.23
C THR A 166 6.76 -4.65 8.76
N LEU A 167 7.42 -3.72 8.10
CA LEU A 167 7.67 -3.87 6.66
C LEU A 167 9.05 -4.38 6.32
N THR A 168 9.81 -4.76 7.34
CA THR A 168 11.18 -5.26 7.07
C THR A 168 11.14 -6.61 6.37
N THR A 169 12.25 -6.95 5.72
CA THR A 169 12.34 -8.23 5.05
C THR A 169 12.11 -9.39 6.05
N ALA A 170 12.75 -9.19 7.20
CA ALA A 170 12.62 -10.23 8.27
C ALA A 170 11.21 -10.36 8.81
N GLN A 171 10.51 -9.29 9.08
CA GLN A 171 9.16 -9.36 9.61
C GLN A 171 8.22 -9.98 8.56
N THR A 172 8.31 -9.49 7.33
CA THR A 172 7.37 -10.08 6.31
C THR A 172 7.63 -11.56 6.06
N ALA A 173 8.86 -11.99 6.16
CA ALA A 173 9.25 -13.40 5.96
C ALA A 173 8.49 -14.24 7.00
N THR A 174 8.48 -13.78 8.23
CA THR A 174 7.78 -14.48 9.30
C THR A 174 6.31 -14.51 9.05
N TYR A 175 5.78 -13.33 8.67
CA TYR A 175 4.34 -13.21 8.35
C TYR A 175 3.92 -14.16 7.20
N ASN A 176 4.72 -14.23 6.16
CA ASN A 176 4.39 -15.05 4.99
C ASN A 176 4.38 -16.55 5.40
N ARG A 177 5.28 -16.84 6.35
CA ARG A 177 5.24 -18.29 6.78
C ARG A 177 3.99 -18.65 7.57
N ASN A 178 3.55 -17.75 8.46
CA ASN A 178 2.38 -17.97 9.29
C ASN A 178 1.09 -17.79 8.52
N PHE A 179 1.12 -16.96 7.46
CA PHE A 179 -0.07 -16.69 6.65
C PHE A 179 0.24 -16.86 5.14
N PRO A 180 0.45 -18.08 4.70
CA PRO A 180 0.74 -18.40 3.29
C PRO A 180 -0.39 -18.04 2.37
N SER A 181 -0.06 -17.81 1.11
CA SER A 181 -1.09 -17.43 0.13
C SER A 181 -0.70 -17.99 -1.22
N ALA A 182 -1.70 -18.57 -1.90
CA ALA A 182 -1.40 -19.08 -3.25
C ALA A 182 -1.01 -17.86 -4.13
N GLY A 183 -1.44 -16.69 -3.77
CA GLY A 183 -1.14 -15.49 -4.60
C GLY A 183 0.35 -15.13 -4.63
N LEU A 184 1.15 -15.71 -3.72
CA LEU A 184 2.57 -15.35 -3.69
C LEU A 184 3.35 -16.31 -4.56
N GLY A 185 4.35 -15.84 -5.21
CA GLY A 185 5.18 -16.69 -6.10
C GLY A 185 6.27 -17.40 -5.30
N ALA A 186 7.02 -18.24 -5.98
CA ALA A 186 8.07 -18.98 -5.30
C ALA A 186 9.10 -17.97 -4.82
N PRO A 187 9.78 -18.36 -3.76
CA PRO A 187 10.83 -17.55 -3.15
C PRO A 187 11.98 -17.24 -4.09
N GLY A 188 12.40 -15.99 -4.08
CA GLY A 188 13.52 -15.57 -4.93
C GLY A 188 13.21 -15.62 -6.42
N SER A 189 11.96 -15.74 -6.87
CA SER A 189 11.65 -15.79 -8.30
C SER A 189 11.28 -14.44 -8.92
N CYS A 190 10.81 -13.50 -8.10
CA CYS A 190 10.34 -12.19 -8.56
C CYS A 190 9.25 -12.46 -9.63
N GLN A 191 8.42 -13.41 -9.33
CA GLN A 191 7.29 -13.82 -10.15
C GLN A 191 6.06 -13.84 -9.22
N THR A 192 4.87 -13.65 -9.76
CA THR A 192 3.69 -13.69 -8.93
C THR A 192 3.18 -15.13 -8.81
N GLY A 193 2.16 -15.31 -8.01
CA GLY A 193 1.58 -16.63 -7.76
C GLY A 193 0.32 -16.79 -8.61
N ALA A 194 -0.69 -17.42 -8.06
CA ALA A 194 -1.93 -17.72 -8.69
C ALA A 194 -2.87 -16.51 -8.70
N ALA A 195 -3.79 -16.49 -9.69
CA ALA A 195 -4.77 -15.43 -9.82
C ALA A 195 -5.92 -15.61 -8.84
N THR A 196 -6.12 -16.83 -8.32
CA THR A 196 -7.18 -17.15 -7.38
C THR A 196 -6.67 -18.09 -6.23
N GLU A 197 -7.46 -18.20 -5.20
CA GLU A 197 -7.12 -19.14 -4.11
C GLU A 197 -8.47 -19.67 -3.63
N THR A 198 -8.46 -20.89 -3.14
CA THR A 198 -9.66 -21.52 -2.56
C THR A 198 -9.29 -21.87 -1.12
N VAL A 199 -9.92 -21.19 -0.20
CA VAL A 199 -9.62 -21.28 1.25
C VAL A 199 -10.89 -21.49 2.06
N GLY A 200 -11.01 -22.54 2.87
CA GLY A 200 -12.27 -22.70 3.68
C GLY A 200 -13.46 -22.83 2.68
N GLY A 201 -13.04 -23.52 1.58
CA GLY A 201 -13.98 -23.75 0.47
C GLY A 201 -14.53 -22.48 -0.19
N SER A 202 -13.92 -21.33 0.13
CA SER A 202 -14.33 -20.03 -0.48
C SER A 202 -13.28 -19.62 -1.54
N GLN A 203 -13.80 -19.24 -2.73
CA GLN A 203 -12.82 -18.80 -3.77
C GLN A 203 -12.56 -17.28 -3.66
N HIS A 204 -11.29 -16.87 -3.74
CA HIS A 204 -10.98 -15.43 -3.70
C HIS A 204 -10.31 -14.97 -4.99
N LEU A 205 -10.73 -13.85 -5.51
CA LEU A 205 -10.02 -13.29 -6.67
C LEU A 205 -8.82 -12.50 -6.07
N LEU A 206 -7.62 -12.65 -6.60
CA LEU A 206 -6.41 -11.98 -6.09
C LEU A 206 -5.84 -11.07 -7.18
N TYR A 207 -5.61 -9.81 -6.79
CA TYR A 207 -5.03 -8.83 -7.74
C TYR A 207 -3.96 -7.94 -7.07
N SER A 208 -3.15 -7.30 -7.91
CA SER A 208 -2.22 -6.32 -7.41
C SER A 208 -1.74 -5.40 -8.56
N TRP A 209 -1.14 -4.32 -8.12
CA TRP A 209 -0.41 -3.41 -9.04
C TRP A 209 0.58 -2.58 -8.14
N GLY A 210 1.52 -1.91 -8.79
CA GLY A 210 2.49 -1.10 -8.04
C GLY A 210 3.06 -0.04 -9.00
N GLY A 211 3.88 0.81 -8.43
CA GLY A 211 4.52 1.84 -9.26
C GLY A 211 6.01 1.56 -9.31
N THR A 212 6.64 2.01 -10.41
CA THR A 212 8.08 1.89 -10.67
C THR A 212 8.66 3.24 -11.14
N ALA A 213 8.23 4.33 -10.52
CA ALA A 213 8.78 5.63 -10.92
C ALA A 213 10.30 5.67 -10.79
N ILE A 214 10.84 5.06 -9.68
CA ILE A 214 12.27 5.14 -9.41
C ILE A 214 13.05 4.05 -10.12
N GLN A 215 13.92 4.49 -11.05
CA GLN A 215 14.73 3.57 -11.85
C GLN A 215 16.22 3.73 -11.62
N PRO A 216 16.97 2.63 -11.71
CA PRO A 216 18.41 2.68 -11.50
C PRO A 216 19.14 3.32 -12.69
N THR A 217 20.17 4.05 -12.43
CA THR A 217 21.03 4.68 -13.46
C THR A 217 22.48 4.32 -13.08
N SER A 218 23.25 4.39 -14.18
CA SER A 218 24.68 4.02 -14.06
C SER A 218 25.42 5.16 -13.39
N THR A 219 24.76 6.26 -13.12
CA THR A 219 25.43 7.41 -12.52
C THR A 219 24.86 7.73 -11.16
N VAL A 223 21.56 12.69 -5.87
CA VAL A 223 20.96 11.08 -5.89
C VAL A 223 21.97 10.35 -7.01
N THR A 224 22.57 9.44 -6.18
CA THR A 224 23.35 8.78 -7.23
C THR A 224 22.68 7.49 -7.51
N GLY A 225 22.80 6.98 -8.71
CA GLY A 225 22.32 5.66 -9.08
C GLY A 225 20.83 5.56 -9.29
N ALA A 226 20.08 6.65 -9.23
CA ALA A 226 18.61 6.52 -9.45
C ALA A 226 18.03 7.74 -10.11
N THR A 227 16.90 7.60 -10.77
CA THR A 227 16.21 8.71 -11.46
C THR A 227 14.73 8.60 -11.22
N ASP A 228 13.99 9.69 -11.17
CA ASP A 228 12.56 9.67 -10.98
C ASP A 228 11.87 9.83 -12.35
N THR A 229 11.27 8.75 -12.85
CA THR A 229 10.57 8.86 -14.17
C THR A 229 9.17 9.39 -14.10
N SER A 230 8.67 9.72 -12.89
CA SER A 230 7.30 10.27 -12.85
C SER A 230 7.24 11.76 -13.22
N THR A 231 8.34 12.49 -13.14
CA THR A 231 8.45 13.91 -13.34
C THR A 231 9.26 14.33 -14.57
N GLY A 232 8.91 15.53 -15.06
CA GLY A 232 9.65 16.03 -16.22
C GLY A 232 10.86 16.76 -15.65
N THR A 233 11.41 17.59 -16.55
CA THR A 233 12.59 18.40 -16.28
C THR A 233 12.41 19.38 -15.10
N LEU A 234 11.40 20.21 -15.38
CA LEU A 234 11.08 21.28 -14.36
C LEU A 234 9.64 20.92 -14.01
N ASP A 235 9.51 20.11 -12.99
CA ASP A 235 8.11 19.71 -12.71
C ASP A 235 7.56 20.39 -11.47
N VAL A 236 6.40 20.96 -11.49
CA VAL A 236 5.79 21.55 -10.32
C VAL A 236 5.56 20.53 -9.19
N ALA A 237 5.42 19.24 -9.56
CA ALA A 237 5.20 18.21 -8.50
C ALA A 237 6.40 18.16 -7.57
N ASN A 238 7.59 18.56 -8.01
CA ASN A 238 8.80 18.59 -7.19
C ASN A 238 8.68 19.70 -6.11
N VAL A 239 7.80 20.67 -6.33
CA VAL A 239 7.62 21.77 -5.40
C VAL A 239 6.38 21.68 -4.59
N THR A 240 5.23 21.36 -5.20
CA THR A 240 3.96 21.33 -4.50
C THR A 240 3.71 20.03 -3.74
N ASP A 241 4.53 19.03 -3.94
CA ASP A 241 4.37 17.76 -3.23
C ASP A 241 5.74 17.39 -2.68
N PRO A 242 5.95 17.64 -1.38
CA PRO A 242 7.22 17.32 -0.74
C PRO A 242 7.61 15.82 -0.72
N SER A 243 6.61 14.93 -0.91
CA SER A 243 6.95 13.51 -0.93
C SER A 243 7.67 13.09 -2.22
N THR A 244 7.55 13.92 -3.33
CA THR A 244 8.18 13.54 -4.59
C THR A 244 9.69 13.33 -4.50
N LEU A 245 10.43 14.36 -4.04
CA LEU A 245 11.87 14.20 -3.93
C LEU A 245 12.28 13.31 -2.73
N ALA A 246 11.42 13.33 -1.72
CA ALA A 246 11.72 12.44 -0.54
C ALA A 246 11.75 10.98 -0.99
N LEU A 247 10.79 10.55 -1.81
CA LEU A 247 10.67 9.15 -2.31
C LEU A 247 11.72 8.82 -3.38
N LEU A 248 12.25 9.84 -4.07
CA LEU A 248 13.39 9.57 -4.96
C LEU A 248 14.62 9.21 -4.10
N ALA A 249 14.81 9.94 -2.99
CA ALA A 249 15.93 9.71 -2.08
C ALA A 249 15.85 8.32 -1.42
N THR A 250 14.68 7.97 -0.90
CA THR A 250 14.52 6.64 -0.26
C THR A 250 14.66 5.56 -1.32
N GLY A 251 14.06 5.79 -2.54
CA GLY A 251 14.18 4.82 -3.61
C GLY A 251 15.61 4.61 -4.02
N ALA A 252 16.48 5.62 -3.96
CA ALA A 252 17.90 5.52 -4.34
C ALA A 252 18.61 4.62 -3.34
N VAL A 253 18.25 4.74 -2.07
CA VAL A 253 18.80 3.87 -1.02
C VAL A 253 18.39 2.41 -1.33
N MET A 254 17.14 2.22 -1.70
CA MET A 254 16.63 0.88 -2.01
C MET A 254 17.45 0.24 -3.15
N ILE A 255 17.67 1.04 -4.19
CA ILE A 255 18.43 0.56 -5.35
C ILE A 255 19.86 0.16 -4.95
N ASN A 256 20.48 0.91 -4.04
CA ASN A 256 21.87 0.58 -3.60
C ASN A 256 21.82 -0.72 -2.78
N ARG A 257 20.63 -1.10 -2.29
CA ARG A 257 20.44 -2.32 -1.50
C ARG A 257 19.86 -3.40 -2.40
N ALA A 258 20.12 -3.33 -3.71
CA ALA A 258 19.68 -4.35 -4.70
C ALA A 258 18.18 -4.54 -4.86
N SER A 259 17.36 -3.53 -4.61
CA SER A 259 15.90 -3.65 -4.78
C SER A 259 15.42 -3.69 -6.25
N GLY A 260 16.18 -2.94 -7.09
CA GLY A 260 15.70 -2.84 -8.51
C GLY A 260 14.68 -1.66 -8.46
N GLN A 261 14.01 -1.48 -9.61
CA GLN A 261 12.98 -0.42 -9.77
C GLN A 261 11.96 -0.48 -8.65
N ASN A 262 11.51 0.70 -8.20
CA ASN A 262 10.61 0.76 -7.04
C ASN A 262 9.80 2.05 -7.02
N ASP A 263 8.94 2.18 -6.03
CA ASP A 263 8.07 3.36 -5.87
C ASP A 263 8.60 4.30 -4.74
N GLY A 264 9.78 4.03 -4.26
CA GLY A 264 10.35 4.83 -3.16
C GLY A 264 10.31 4.03 -1.88
N LEU A 265 9.45 3.05 -1.73
CA LEU A 265 9.41 2.23 -0.51
C LEU A 265 9.23 0.76 -0.80
N VAL A 266 8.63 0.42 -1.95
CA VAL A 266 8.35 -0.99 -2.31
C VAL A 266 8.88 -1.35 -3.68
N SER A 267 9.64 -2.39 -3.80
CA SER A 267 10.22 -2.74 -5.11
C SER A 267 9.16 -3.43 -5.95
N ARG A 268 9.43 -3.51 -7.25
CA ARG A 268 8.51 -4.22 -8.15
C ARG A 268 8.32 -5.68 -7.71
N CYS A 269 9.45 -6.37 -7.50
CA CYS A 269 9.40 -7.77 -7.10
C CYS A 269 8.62 -7.98 -5.79
N SER A 270 8.82 -7.06 -4.80
CA SER A 270 8.10 -7.25 -3.53
C SER A 270 6.59 -7.05 -3.63
N SER A 271 6.13 -6.26 -4.60
CA SER A 271 4.73 -5.97 -4.75
C SER A 271 3.88 -7.03 -5.44
N LEU A 272 4.50 -7.99 -6.08
CA LEU A 272 3.75 -8.99 -6.89
C LEU A 272 2.84 -9.88 -6.07
N PHE A 273 1.59 -9.94 -6.42
CA PHE A 273 0.58 -10.74 -5.71
C PHE A 273 -0.61 -11.03 -6.63
N GLY A 274 -1.00 -12.31 -6.72
CA GLY A 274 -2.19 -12.65 -7.51
C GLY A 274 -2.00 -12.21 -8.98
N GLN A 275 -3.09 -11.83 -9.60
CA GLN A 275 -3.02 -11.33 -10.98
C GLN A 275 -2.49 -9.90 -10.95
N VAL A 276 -1.31 -9.72 -11.48
CA VAL A 276 -0.67 -8.37 -11.51
C VAL A 276 -1.25 -7.58 -12.71
N ILE A 277 -1.99 -6.52 -12.45
CA ILE A 277 -2.55 -5.72 -13.55
C ILE A 277 -1.42 -5.06 -14.30
N SER A 278 -0.56 -4.35 -13.56
CA SER A 278 0.62 -3.71 -14.13
C SER A 278 1.59 -3.25 -13.02
N THR A 279 2.84 -3.16 -13.39
CA THR A 279 3.83 -2.57 -12.48
C THR A 279 4.59 -1.41 -13.22
N SER A 280 4.07 -1.08 -14.38
CA SER A 280 4.84 -0.06 -15.17
C SER A 280 4.32 1.32 -14.92
N TYR A 281 3.41 1.54 -13.98
CA TYR A 281 2.91 2.89 -13.72
C TYR A 281 4.05 3.79 -13.29
N HIS A 282 4.10 5.02 -13.73
CA HIS A 282 5.21 5.95 -13.37
C HIS A 282 4.92 6.66 -12.05
N TRP A 283 4.79 5.81 -11.00
CA TRP A 283 4.33 6.34 -9.71
C TRP A 283 5.25 6.08 -8.55
N ASN A 284 5.21 7.05 -7.62
CA ASN A 284 5.97 6.86 -6.32
C ASN A 284 4.84 6.35 -5.39
N HIS A 285 5.28 5.89 -4.18
CA HIS A 285 4.32 5.29 -3.24
C HIS A 285 3.10 6.07 -2.92
N LEU A 286 3.15 7.40 -2.85
CA LEU A 286 1.93 8.20 -2.54
C LEU A 286 1.08 8.54 -3.77
N ASP A 287 1.70 8.53 -4.96
CA ASP A 287 0.89 8.80 -6.19
C ASP A 287 -0.17 7.72 -6.31
N GLU A 288 0.18 6.51 -5.83
CA GLU A 288 -0.77 5.38 -5.91
C GLU A 288 -2.10 5.64 -5.25
N ILE A 289 -2.14 6.56 -4.28
CA ILE A 289 -3.36 6.90 -3.56
C ILE A 289 -3.75 8.37 -3.76
N ASN A 290 -3.28 8.90 -4.93
CA ASN A 290 -3.64 10.31 -5.32
C ASN A 290 -3.12 11.40 -4.33
N GLN A 291 -1.94 11.14 -3.81
CA GLN A 291 -1.34 12.04 -2.83
C GLN A 291 -0.03 12.64 -3.34
N LEU A 292 0.40 13.76 -2.71
CA LEU A 292 -0.36 14.45 -1.68
C LEU A 292 -1.35 15.42 -2.34
N LEU A 293 -2.57 15.40 -1.89
CA LEU A 293 -3.58 16.33 -2.40
C LEU A 293 -3.71 16.31 -3.93
N GLY A 294 -3.65 15.11 -4.52
CA GLY A 294 -3.85 14.99 -5.97
C GLY A 294 -2.63 15.38 -6.77
N VAL A 295 -1.49 15.73 -6.21
CA VAL A 295 -0.31 16.10 -7.00
C VAL A 295 0.53 14.92 -7.49
N ARG A 296 0.82 14.90 -8.80
CA ARG A 296 1.66 13.85 -9.39
C ARG A 296 2.51 14.44 -10.53
N GLY A 297 3.63 13.85 -10.85
CA GLY A 297 4.57 14.30 -11.90
C GLY A 297 3.89 14.23 -13.26
N ALA A 298 4.54 15.00 -14.17
CA ALA A 298 3.97 15.05 -15.55
C ALA A 298 3.81 13.71 -16.27
N ASN A 299 4.62 12.69 -15.96
CA ASN A 299 4.52 11.37 -16.62
C ASN A 299 3.67 10.38 -15.81
N ALA A 300 3.16 10.79 -14.64
CA ALA A 300 2.34 9.88 -13.81
C ALA A 300 0.92 9.78 -14.31
N GLU A 301 0.48 8.51 -14.39
CA GLU A 301 -0.88 8.20 -14.84
C GLU A 301 -1.92 8.59 -13.80
N ASP A 302 -3.19 8.66 -14.19
CA ASP A 302 -4.27 9.03 -13.27
C ASP A 302 -4.63 7.89 -12.31
N PRO A 303 -4.31 7.99 -11.04
CA PRO A 303 -4.61 6.89 -10.12
C PRO A 303 -6.07 6.69 -9.83
N VAL A 304 -6.87 7.78 -9.87
CA VAL A 304 -8.30 7.73 -9.62
C VAL A 304 -8.98 6.86 -10.73
N ALA A 305 -8.54 7.12 -12.01
CA ALA A 305 -9.08 6.39 -13.13
C ALA A 305 -8.69 4.93 -13.02
N VAL A 306 -7.46 4.67 -12.63
CA VAL A 306 -6.97 3.29 -12.50
C VAL A 306 -7.82 2.53 -11.46
N ILE A 307 -8.04 3.14 -10.31
CA ILE A 307 -8.83 2.42 -9.29
C ILE A 307 -10.26 2.19 -9.74
N ARG A 308 -10.84 3.21 -10.37
CA ARG A 308 -12.23 3.16 -10.86
C ARG A 308 -12.39 1.99 -11.84
N THR A 309 -11.45 1.90 -12.77
CA THR A 309 -11.49 0.86 -13.79
C THR A 309 -11.41 -0.51 -13.11
N HIS A 310 -10.61 -0.54 -12.04
CA HIS A 310 -10.49 -1.85 -11.33
C HIS A 310 -11.78 -2.23 -10.62
N VAL A 311 -12.49 -1.29 -10.07
CA VAL A 311 -13.74 -1.64 -9.39
C VAL A 311 -14.75 -2.11 -10.48
N ASN A 312 -14.68 -1.50 -11.69
CA ASN A 312 -15.54 -2.01 -12.78
C ASN A 312 -15.12 -3.43 -13.12
N ARG A 313 -13.84 -3.70 -13.17
CA ARG A 313 -13.25 -5.03 -13.45
C ARG A 313 -13.86 -6.06 -12.47
N LEU A 314 -13.90 -5.72 -11.18
CA LEU A 314 -14.50 -6.59 -10.17
C LEU A 314 -15.96 -6.86 -10.50
N LYS A 315 -16.70 -5.84 -10.82
CA LYS A 315 -18.12 -5.93 -11.15
C LYS A 315 -18.27 -6.95 -12.29
N LEU A 316 -17.46 -6.85 -13.30
CA LEU A 316 -17.50 -7.71 -14.46
C LEU A 316 -17.15 -9.13 -14.06
N GLN A 317 -16.40 -9.33 -13.01
CA GLN A 317 -16.03 -10.69 -12.58
C GLN A 317 -17.14 -11.28 -11.72
N GLY A 318 -18.17 -10.57 -11.44
CA GLY A 318 -19.26 -11.08 -10.63
C GLY A 318 -19.17 -10.86 -9.15
N VAL A 319 -18.29 -9.99 -8.67
CA VAL A 319 -18.20 -9.72 -7.19
C VAL A 319 -18.65 -8.27 -6.94
CA CA B . 2.55 12.71 -5.44
#